data_1HUG
#
_entry.id   1HUG
#
_cell.length_a   81.800
_cell.length_b   75.200
_cell.length_c   37.100
_cell.angle_alpha   90.00
_cell.angle_beta   90.00
_cell.angle_gamma   90.00
#
_symmetry.space_group_name_H-M   'P 21 21 21'
#
loop_
_entity.id
_entity.type
_entity.pdbx_description
1 polymer 'CARBONIC ANHYDRASE I'
2 non-polymer 'ZINC ION'
3 non-polymer 'GOLD (I) CYANIDE ION'
4 water water
#
_entity_poly.entity_id   1
_entity_poly.type   'polypeptide(L)'
_entity_poly.pdbx_seq_one_letter_code
;ASPDWGYDDKNGPEQWSKLYPIANGNNQSPVDIKTSETKHDTSLKPISVSYNPATAKEIINVGHSFHVNFEDNDNRSVLK
GGPFSDSYRLFQFHFHWGSTNEHGSEHTVDGVKYSAELHVAHWNSAKYSSLAEAASKADGLAVIGVLMKVGEANPKLQKV
LDALQAIKTKGKRAPFTNFDPSTLLPSSLDFWTYPGSLTHPPLYESVTWIICKESISVSSEQLAQFRSLLSNVEGDNAVP
MQHNNRPTQPLKGRTVRASF
;
_entity_poly.pdbx_strand_id   A
#
loop_
_chem_comp.id
_chem_comp.type
_chem_comp.name
_chem_comp.formula
AUC non-polymer 'GOLD (I) CYANIDE ION' 'C2 Au N2'
ZN non-polymer 'ZINC ION' 'Zn 2'
#
# COMPACT_ATOMS: atom_id res chain seq x y z
N TRP A 5 10.26 -12.43 10.46
CA TRP A 5 8.97 -11.65 10.44
C TRP A 5 7.94 -12.20 9.47
N GLY A 6 6.68 -12.22 9.85
CA GLY A 6 5.60 -12.68 8.95
C GLY A 6 4.33 -12.08 9.61
N TYR A 7 3.24 -12.79 9.33
CA TYR A 7 1.96 -12.35 9.90
C TYR A 7 1.32 -13.34 10.82
N ASP A 8 2.02 -14.41 11.13
CA ASP A 8 1.53 -15.51 12.01
C ASP A 8 1.78 -15.19 13.48
N ASP A 9 1.24 -16.06 14.35
CA ASP A 9 1.30 -15.92 15.81
C ASP A 9 2.76 -15.76 16.29
N LYS A 10 3.56 -16.62 15.72
CA LYS A 10 4.98 -16.75 15.99
C LYS A 10 5.79 -15.55 15.56
N ASN A 11 5.44 -14.88 14.47
CA ASN A 11 6.33 -13.77 14.04
C ASN A 11 5.59 -12.57 13.46
N GLY A 12 4.34 -12.49 13.75
CA GLY A 12 3.38 -11.52 13.30
C GLY A 12 3.55 -10.20 14.04
N PRO A 13 2.67 -9.26 13.70
CA PRO A 13 2.67 -7.91 14.26
C PRO A 13 2.96 -7.77 15.73
N GLU A 14 2.42 -8.70 16.55
CA GLU A 14 2.67 -8.59 18.01
C GLU A 14 4.07 -8.87 18.47
N GLN A 15 4.91 -9.50 17.71
CA GLN A 15 6.28 -9.86 17.96
C GLN A 15 7.31 -8.91 17.36
N TRP A 16 6.91 -8.16 16.36
CA TRP A 16 7.80 -7.31 15.55
C TRP A 16 8.65 -6.42 16.44
N SER A 17 8.04 -6.03 17.55
CA SER A 17 8.83 -5.16 18.48
C SER A 17 10.04 -5.94 18.98
N LYS A 18 9.82 -7.20 19.32
CA LYS A 18 10.99 -7.98 19.84
C LYS A 18 12.17 -7.70 18.95
N LEU A 19 11.97 -7.43 17.68
CA LEU A 19 13.04 -7.16 16.72
C LEU A 19 13.24 -5.78 16.10
N TYR A 20 12.15 -5.05 15.94
CA TYR A 20 12.17 -3.68 15.35
C TYR A 20 11.42 -2.77 16.33
N PRO A 21 12.21 -2.33 17.31
CA PRO A 21 11.73 -1.48 18.38
C PRO A 21 10.91 -0.31 17.86
N ILE A 22 11.22 0.10 16.63
CA ILE A 22 10.45 1.24 16.03
C ILE A 22 8.98 0.86 15.98
N ALA A 23 8.73 -0.46 16.01
CA ALA A 23 7.32 -0.90 15.96
C ALA A 23 6.50 -0.21 17.05
N ASN A 24 7.11 0.25 18.12
CA ASN A 24 6.37 0.91 19.22
C ASN A 24 6.61 2.42 19.16
N GLY A 25 6.94 2.91 17.98
CA GLY A 25 7.23 4.35 17.77
C GLY A 25 6.03 5.23 17.88
N ASN A 26 6.27 6.52 17.69
CA ASN A 26 5.18 7.51 17.81
C ASN A 26 4.55 7.89 16.47
N ASN A 27 5.10 7.34 15.40
CA ASN A 27 4.62 7.56 14.06
C ASN A 27 4.35 6.23 13.28
N GLN A 28 3.74 5.27 13.96
CA GLN A 28 3.46 3.96 13.33
C GLN A 28 2.15 3.97 12.56
N SER A 29 2.11 3.19 11.47
CA SER A 29 0.92 3.01 10.60
C SER A 29 0.46 1.54 10.64
N PRO A 30 -0.74 1.16 10.33
CA PRO A 30 -1.84 2.05 9.93
C PRO A 30 -2.45 2.62 11.21
N VAL A 31 -3.45 3.45 11.03
CA VAL A 31 -4.10 4.11 12.18
C VAL A 31 -5.60 4.12 11.84
N ASP A 32 -6.35 4.37 12.89
CA ASP A 32 -7.82 4.47 12.63
C ASP A 32 -8.09 5.97 12.39
N ILE A 33 -8.78 6.26 11.30
CA ILE A 33 -9.18 7.61 10.93
C ILE A 33 -10.59 7.88 11.47
N LYS A 34 -10.56 8.73 12.50
CA LYS A 34 -11.81 9.16 13.18
C LYS A 34 -12.14 10.49 12.46
N THR A 35 -13.08 10.37 11.58
CA THR A 35 -13.50 11.47 10.72
C THR A 35 -14.02 12.65 11.51
N SER A 36 -14.48 12.50 12.72
CA SER A 36 -14.95 13.66 13.50
C SER A 36 -13.78 14.52 13.98
N GLU A 37 -12.58 13.95 13.98
CA GLU A 37 -11.39 14.65 14.41
C GLU A 37 -10.35 15.00 13.38
N THR A 38 -10.60 14.87 12.09
CA THR A 38 -9.57 15.24 11.08
C THR A 38 -9.60 16.77 10.98
N LYS A 39 -8.53 17.38 10.52
CA LYS A 39 -8.46 18.85 10.43
C LYS A 39 -8.47 19.29 8.98
N HIS A 40 -9.36 20.17 8.56
CA HIS A 40 -9.42 20.67 7.19
C HIS A 40 -8.24 21.62 7.00
N ASP A 41 -7.42 21.29 6.04
CA ASP A 41 -6.23 22.14 5.75
C ASP A 41 -6.44 22.76 4.39
N THR A 42 -6.53 24.10 4.34
CA THR A 42 -6.77 24.82 3.07
C THR A 42 -5.53 24.95 2.19
N SER A 43 -4.36 24.55 2.63
CA SER A 43 -3.11 24.57 1.87
C SER A 43 -3.02 23.30 1.00
N LEU A 44 -3.77 22.28 1.34
CA LEU A 44 -3.73 21.03 0.56
C LEU A 44 -4.12 21.30 -0.89
N LYS A 45 -3.35 20.84 -1.83
CA LYS A 45 -3.64 20.95 -3.27
C LYS A 45 -4.14 19.56 -3.71
N PRO A 46 -4.81 19.55 -4.84
CA PRO A 46 -5.34 18.32 -5.40
C PRO A 46 -4.18 17.40 -5.71
N ILE A 47 -4.34 16.12 -5.54
CA ILE A 47 -3.21 15.25 -5.97
C ILE A 47 -3.30 15.09 -7.49
N SER A 48 -2.11 15.08 -8.08
CA SER A 48 -2.01 14.89 -9.54
C SER A 48 -1.05 13.73 -9.82
N VAL A 49 -1.59 12.74 -10.52
CA VAL A 49 -0.78 11.60 -10.93
C VAL A 49 -0.66 11.62 -12.45
N SER A 50 0.56 11.40 -12.88
CA SER A 50 0.95 11.30 -14.26
C SER A 50 1.91 10.10 -14.35
N TYR A 51 1.33 8.98 -14.69
CA TYR A 51 2.08 7.74 -14.82
C TYR A 51 2.20 7.34 -16.30
N ASN A 52 3.32 6.76 -16.64
CA ASN A 52 3.55 6.32 -18.04
C ASN A 52 3.47 4.80 -18.03
N PRO A 53 2.58 4.19 -18.77
CA PRO A 53 2.47 2.71 -18.77
C PRO A 53 3.72 1.98 -19.16
N ALA A 54 4.58 2.60 -19.93
CA ALA A 54 5.87 2.04 -20.39
C ALA A 54 6.82 1.81 -19.24
N THR A 55 6.50 2.42 -18.07
CA THR A 55 7.36 2.27 -16.90
C THR A 55 7.05 0.93 -16.18
N ALA A 56 5.92 0.32 -16.52
CA ALA A 56 5.60 -0.97 -15.81
C ALA A 56 6.73 -1.94 -16.18
N LYS A 57 7.21 -2.66 -15.21
CA LYS A 57 8.32 -3.60 -15.39
C LYS A 57 8.09 -5.06 -15.03
N GLU A 58 7.80 -5.34 -13.75
CA GLU A 58 7.63 -6.76 -13.35
C GLU A 58 6.68 -6.98 -12.18
N ILE A 59 6.24 -8.22 -12.02
CA ILE A 59 5.37 -8.69 -10.94
C ILE A 59 6.18 -9.79 -10.24
N ILE A 60 6.24 -9.72 -8.93
CA ILE A 60 6.99 -10.70 -8.14
C ILE A 60 6.33 -11.08 -6.82
N ASN A 61 6.46 -12.38 -6.56
CA ASN A 61 5.97 -13.00 -5.31
C ASN A 61 7.07 -12.81 -4.25
N VAL A 62 6.84 -12.03 -3.23
CA VAL A 62 7.82 -11.82 -2.15
C VAL A 62 7.50 -12.60 -0.88
N GLY A 63 6.64 -13.61 -1.02
CA GLY A 63 6.32 -14.47 0.11
C GLY A 63 5.19 -14.05 0.99
N HIS A 64 5.25 -12.86 1.54
CA HIS A 64 4.19 -12.32 2.41
C HIS A 64 3.17 -11.53 1.59
N SER A 65 3.50 -11.31 0.32
CA SER A 65 2.66 -10.56 -0.63
C SER A 65 3.21 -10.65 -2.04
N PHE A 66 2.68 -9.86 -2.95
CA PHE A 66 3.20 -9.79 -4.34
C PHE A 66 3.34 -8.26 -4.67
N HIS A 67 4.38 -7.89 -5.36
CA HIS A 67 4.60 -6.51 -5.77
C HIS A 67 4.66 -6.36 -7.30
N VAL A 68 4.07 -5.27 -7.76
CA VAL A 68 4.17 -4.79 -9.14
C VAL A 68 5.17 -3.59 -9.14
N ASN A 69 6.30 -3.85 -9.78
CA ASN A 69 7.41 -2.90 -9.84
C ASN A 69 7.48 -2.13 -11.15
N PHE A 70 7.89 -0.89 -10.98
CA PHE A 70 8.07 0.09 -12.06
C PHE A 70 9.51 0.58 -12.15
N GLU A 71 9.96 0.93 -13.33
CA GLU A 71 11.27 1.57 -13.62
C GLU A 71 11.15 2.99 -13.02
N ASP A 72 12.12 3.28 -12.19
CA ASP A 72 12.11 4.59 -11.45
C ASP A 72 13.46 5.27 -11.64
N ASN A 73 13.87 5.29 -12.90
CA ASN A 73 15.15 5.90 -13.27
C ASN A 73 15.00 7.32 -13.78
N ASP A 74 13.77 7.76 -13.91
CA ASP A 74 13.46 9.14 -14.34
C ASP A 74 12.07 9.53 -13.79
N ASN A 75 11.66 10.69 -14.18
CA ASN A 75 10.39 11.27 -13.75
C ASN A 75 9.25 11.09 -14.72
N ARG A 76 9.29 9.96 -15.42
CA ARG A 76 8.22 9.53 -16.34
C ARG A 76 6.89 9.31 -15.60
N SER A 77 6.94 8.70 -14.44
CA SER A 77 5.75 8.44 -13.60
C SER A 77 5.93 9.11 -12.23
N VAL A 78 5.13 10.12 -11.93
CA VAL A 78 5.19 10.92 -10.73
C VAL A 78 3.87 11.32 -10.11
N LEU A 79 4.00 11.58 -8.84
CA LEU A 79 2.91 12.06 -7.98
C LEU A 79 3.25 13.50 -7.58
N LYS A 80 2.29 14.40 -7.70
CA LYS A 80 2.54 15.82 -7.33
C LYS A 80 1.26 16.37 -6.72
N GLY A 81 1.33 17.50 -6.07
CA GLY A 81 0.08 18.08 -5.49
C GLY A 81 -0.05 17.60 -4.06
N GLY A 82 -1.28 17.55 -3.55
CA GLY A 82 -1.50 17.10 -2.17
C GLY A 82 -0.70 18.03 -1.26
N PRO A 83 -0.06 17.45 -0.27
CA PRO A 83 0.76 18.19 0.70
C PRO A 83 2.16 18.46 0.23
N PHE A 84 2.55 17.98 -0.93
CA PHE A 84 3.88 18.08 -1.47
C PHE A 84 4.19 19.34 -2.27
N SER A 85 5.49 19.58 -2.19
CA SER A 85 6.06 20.69 -2.95
C SER A 85 7.04 20.13 -3.98
N ASP A 86 7.45 18.89 -3.82
CA ASP A 86 8.38 18.27 -4.85
C ASP A 86 7.62 17.09 -5.43
N SER A 87 8.06 16.50 -6.51
CA SER A 87 7.38 15.33 -7.14
C SER A 87 8.02 14.03 -6.63
N TYR A 88 7.19 13.03 -6.48
CA TYR A 88 7.55 11.66 -6.03
C TYR A 88 7.39 10.69 -7.24
N ARG A 89 8.40 9.91 -7.43
CA ARG A 89 8.57 8.89 -8.46
C ARG A 89 7.89 7.58 -8.01
N LEU A 90 6.97 7.11 -8.82
CA LEU A 90 6.25 5.83 -8.65
C LEU A 90 7.24 4.68 -8.74
N PHE A 91 7.19 3.78 -7.75
CA PHE A 91 8.11 2.63 -7.82
C PHE A 91 7.34 1.32 -7.67
N GLN A 92 6.14 1.35 -7.08
CA GLN A 92 5.47 0.02 -6.86
C GLN A 92 4.02 0.12 -6.44
N PHE A 93 3.23 -0.95 -6.69
CA PHE A 93 1.86 -0.97 -6.08
C PHE A 93 1.74 -2.42 -5.50
N HIS A 94 0.93 -2.58 -4.47
CA HIS A 94 0.79 -3.91 -3.83
C HIS A 94 -0.52 -3.82 -3.06
N PHE A 95 -0.97 -4.94 -2.57
CA PHE A 95 -2.24 -5.09 -1.83
C PHE A 95 -2.03 -5.66 -0.44
N HIS A 96 -2.98 -5.45 0.46
CA HIS A 96 -3.09 -6.01 1.81
C HIS A 96 -4.51 -6.67 1.90
N TRP A 97 -4.61 -7.83 2.50
CA TRP A 97 -5.93 -8.55 2.62
C TRP A 97 -5.92 -9.31 3.94
N GLY A 98 -7.05 -9.85 4.37
CA GLY A 98 -7.08 -10.64 5.63
C GLY A 98 -7.61 -12.03 5.31
N SER A 99 -7.65 -12.87 6.31
CA SER A 99 -8.14 -14.24 6.17
C SER A 99 -9.60 -14.33 5.81
N THR A 100 -10.41 -13.33 6.05
CA THR A 100 -11.80 -13.19 5.66
C THR A 100 -11.93 -12.02 4.65
N ASN A 101 -12.94 -12.15 3.79
CA ASN A 101 -13.25 -11.20 2.73
C ASN A 101 -13.79 -9.90 3.31
N GLU A 102 -14.21 -9.94 4.55
CA GLU A 102 -14.88 -8.80 5.15
C GLU A 102 -13.90 -7.90 5.86
N HIS A 103 -12.94 -8.53 6.51
CA HIS A 103 -12.00 -7.65 7.25
C HIS A 103 -10.55 -7.85 6.83
N GLY A 104 -9.98 -6.93 6.05
CA GLY A 104 -8.59 -7.11 5.67
C GLY A 104 -7.86 -5.82 5.33
N SER A 105 -8.44 -4.65 5.51
CA SER A 105 -7.61 -3.45 5.15
C SER A 105 -6.62 -3.21 6.29
N GLU A 106 -5.75 -2.26 6.16
CA GLU A 106 -4.79 -1.86 7.21
C GLU A 106 -5.40 -0.70 7.99
N HIS A 107 -5.70 0.39 7.29
CA HIS A 107 -6.35 1.57 7.81
C HIS A 107 -7.85 1.24 8.00
N THR A 108 -8.40 1.91 8.98
CA THR A 108 -9.79 1.83 9.38
C THR A 108 -10.28 3.27 9.41
N VAL A 109 -11.56 3.42 9.22
CA VAL A 109 -12.28 4.69 9.20
C VAL A 109 -13.44 4.55 10.18
N ASP A 110 -13.45 5.36 11.20
CA ASP A 110 -14.45 5.38 12.28
C ASP A 110 -14.64 3.98 12.83
N GLY A 111 -13.53 3.37 13.06
CA GLY A 111 -13.35 2.06 13.59
C GLY A 111 -13.80 0.94 12.69
N VAL A 112 -14.04 1.18 11.44
CA VAL A 112 -14.49 0.18 10.47
C VAL A 112 -13.33 -0.25 9.57
N LYS A 113 -13.14 -1.54 9.53
CA LYS A 113 -12.17 -2.29 8.74
C LYS A 113 -12.84 -2.71 7.44
N TYR A 114 -12.17 -2.48 6.34
CA TYR A 114 -12.58 -2.74 4.99
C TYR A 114 -12.06 -4.10 4.59
N SER A 115 -12.35 -4.50 3.37
CA SER A 115 -11.98 -5.84 2.86
C SER A 115 -10.52 -6.00 2.50
N ALA A 116 -10.03 -4.87 1.93
CA ALA A 116 -8.60 -4.94 1.47
C ALA A 116 -8.15 -3.48 1.27
N GLU A 117 -6.89 -3.37 0.92
CA GLU A 117 -6.25 -2.08 0.66
C GLU A 117 -5.13 -2.15 -0.33
N LEU A 118 -5.15 -1.21 -1.27
CA LEU A 118 -4.17 -0.95 -2.30
C LEU A 118 -3.18 0.18 -1.84
N HIS A 119 -1.90 -0.03 -1.99
CA HIS A 119 -0.81 0.89 -1.70
C HIS A 119 -0.03 1.15 -3.03
N VAL A 120 0.07 2.41 -3.40
CA VAL A 120 0.78 2.93 -4.60
C VAL A 120 1.92 3.81 -3.95
N ALA A 121 3.13 3.34 -4.10
CA ALA A 121 4.27 3.92 -3.37
C ALA A 121 5.15 4.69 -4.35
N HIS A 122 5.66 5.78 -3.82
CA HIS A 122 6.53 6.70 -4.60
C HIS A 122 7.66 7.18 -3.66
N TRP A 123 8.78 7.58 -4.21
CA TRP A 123 9.94 8.03 -3.38
C TRP A 123 10.31 9.48 -3.78
N ASN A 124 10.84 10.21 -2.82
CA ASN A 124 11.21 11.64 -3.00
C ASN A 124 12.48 11.72 -3.88
N SER A 125 12.35 11.80 -5.18
CA SER A 125 13.41 11.88 -6.16
C SER A 125 14.00 13.30 -6.22
N ALA A 126 13.26 14.26 -5.69
CA ALA A 126 13.78 15.67 -5.63
C ALA A 126 14.86 15.77 -4.56
N LYS A 127 14.70 15.20 -3.38
CA LYS A 127 15.66 15.18 -2.31
C LYS A 127 16.65 14.03 -2.19
N TYR A 128 16.35 12.82 -2.66
CA TYR A 128 17.26 11.68 -2.46
C TYR A 128 17.75 11.09 -3.73
N SER A 129 18.76 10.24 -3.51
CA SER A 129 19.44 9.60 -4.66
C SER A 129 18.78 8.31 -5.11
N SER A 130 18.20 7.57 -4.19
CA SER A 130 17.57 6.29 -4.61
C SER A 130 16.55 5.92 -3.54
N LEU A 131 15.67 4.98 -3.84
CA LEU A 131 14.68 4.55 -2.83
C LEU A 131 15.34 4.13 -1.51
N ALA A 132 16.49 3.45 -1.67
CA ALA A 132 17.27 2.93 -0.55
C ALA A 132 17.56 4.02 0.49
N GLU A 133 18.02 5.12 -0.06
CA GLU A 133 18.36 6.30 0.77
C GLU A 133 17.11 6.94 1.39
N ALA A 134 16.18 7.24 0.50
CA ALA A 134 14.88 7.85 0.76
C ALA A 134 14.02 7.10 1.76
N ALA A 135 14.04 5.76 1.71
CA ALA A 135 13.19 4.92 2.55
C ALA A 135 13.23 5.15 4.04
N SER A 136 14.31 5.69 4.59
CA SER A 136 14.34 5.88 6.06
C SER A 136 14.20 7.36 6.45
N LYS A 137 14.10 8.26 5.50
CA LYS A 137 13.95 9.70 5.80
C LYS A 137 12.48 10.03 6.01
N ALA A 138 12.26 11.03 6.85
CA ALA A 138 10.92 11.48 7.24
C ALA A 138 10.05 11.85 6.05
N ASP A 139 10.68 12.43 5.06
CA ASP A 139 10.00 12.85 3.82
C ASP A 139 10.35 11.93 2.64
N GLY A 140 10.89 10.75 2.88
CA GLY A 140 11.30 9.85 1.81
C GLY A 140 10.27 9.23 0.90
N LEU A 141 9.16 8.78 1.45
CA LEU A 141 8.05 8.12 0.74
C LEU A 141 6.68 8.75 0.85
N ALA A 142 5.90 8.64 -0.23
CA ALA A 142 4.51 9.12 -0.29
C ALA A 142 3.73 7.84 -0.75
N VAL A 143 2.72 7.47 0.00
CA VAL A 143 1.97 6.24 -0.40
C VAL A 143 0.49 6.56 -0.47
N ILE A 144 -0.11 6.22 -1.62
CA ILE A 144 -1.60 6.44 -1.68
C ILE A 144 -2.28 5.12 -1.21
N GLY A 145 -3.11 5.14 -0.25
CA GLY A 145 -3.83 3.95 0.19
C GLY A 145 -5.30 4.10 -0.29
N VAL A 146 -5.77 3.04 -0.92
CA VAL A 146 -7.14 3.04 -1.40
C VAL A 146 -7.84 1.83 -0.71
N LEU A 147 -8.95 2.14 -0.11
CA LEU A 147 -9.79 1.15 0.62
C LEU A 147 -10.68 0.47 -0.41
N MET A 148 -10.75 -0.82 -0.25
CA MET A 148 -11.46 -1.76 -1.13
C MET A 148 -12.60 -2.39 -0.33
N LYS A 149 -13.74 -2.32 -0.95
CA LYS A 149 -14.95 -2.87 -0.33
C LYS A 149 -15.47 -4.06 -1.13
N VAL A 150 -15.69 -5.18 -0.46
CA VAL A 150 -16.20 -6.43 -1.06
C VAL A 150 -17.63 -6.15 -1.61
N GLY A 151 -17.78 -6.54 -2.88
CA GLY A 151 -19.10 -6.29 -3.52
C GLY A 151 -18.98 -6.77 -4.96
N GLU A 152 -19.21 -5.81 -5.84
CA GLU A 152 -19.16 -6.11 -7.29
C GLU A 152 -17.74 -6.34 -7.76
N ALA A 153 -17.53 -7.21 -8.76
CA ALA A 153 -16.22 -7.50 -9.34
C ALA A 153 -15.69 -6.20 -9.98
N ASN A 154 -14.38 -6.03 -9.88
CA ASN A 154 -13.82 -4.75 -10.48
C ASN A 154 -13.04 -5.23 -11.66
N PRO A 155 -13.51 -4.88 -12.87
CA PRO A 155 -12.79 -5.30 -14.09
C PRO A 155 -11.42 -4.66 -14.23
N LYS A 156 -11.11 -3.57 -13.56
CA LYS A 156 -9.76 -2.95 -13.63
C LYS A 156 -8.66 -3.80 -13.04
N LEU A 157 -8.97 -4.75 -12.17
CA LEU A 157 -8.01 -5.67 -11.56
C LEU A 157 -7.57 -6.88 -12.39
N GLN A 158 -8.28 -7.21 -13.45
CA GLN A 158 -8.13 -8.35 -14.31
C GLN A 158 -6.73 -8.56 -14.79
N LYS A 159 -6.11 -7.54 -15.38
CA LYS A 159 -4.72 -7.76 -15.79
C LYS A 159 -3.81 -8.26 -14.67
N VAL A 160 -3.98 -7.84 -13.43
CA VAL A 160 -3.18 -8.18 -12.25
C VAL A 160 -3.48 -9.63 -11.83
N LEU A 161 -4.76 -9.92 -11.90
CA LEU A 161 -5.19 -11.29 -11.51
C LEU A 161 -4.58 -12.27 -12.51
N ASP A 162 -4.69 -11.89 -13.79
CA ASP A 162 -4.15 -12.83 -14.78
C ASP A 162 -2.67 -13.09 -14.55
N ALA A 163 -1.93 -12.01 -14.24
CA ALA A 163 -0.48 -12.12 -14.06
C ALA A 163 -0.07 -13.11 -12.98
N LEU A 164 -0.93 -13.32 -12.00
CA LEU A 164 -0.72 -14.10 -10.84
C LEU A 164 -0.41 -15.57 -11.09
N GLN A 165 -0.97 -16.06 -12.15
CA GLN A 165 -0.80 -17.49 -12.46
C GLN A 165 0.67 -17.79 -12.61
N ALA A 166 1.41 -16.81 -13.10
CA ALA A 166 2.86 -16.97 -13.33
C ALA A 166 3.79 -16.74 -12.18
N ILE A 167 3.37 -16.24 -11.04
CA ILE A 167 4.18 -15.97 -9.86
C ILE A 167 3.52 -16.61 -8.63
N LYS A 168 3.18 -17.87 -8.83
CA LYS A 168 2.44 -18.69 -7.86
C LYS A 168 3.21 -18.90 -6.60
N THR A 169 4.50 -19.12 -6.60
CA THR A 169 5.27 -19.33 -5.35
C THR A 169 6.35 -18.26 -5.12
N LYS A 170 6.93 -18.25 -3.94
CA LYS A 170 7.95 -17.28 -3.53
C LYS A 170 9.15 -17.15 -4.45
N GLY A 171 9.50 -15.86 -4.74
CA GLY A 171 10.66 -15.70 -5.60
C GLY A 171 10.34 -15.79 -7.09
N LYS A 172 9.14 -16.12 -7.55
CA LYS A 172 8.82 -16.11 -9.00
C LYS A 172 8.63 -14.66 -9.43
N ARG A 173 9.03 -14.34 -10.64
CA ARG A 173 8.85 -12.98 -11.19
C ARG A 173 8.39 -13.15 -12.65
N ALA A 174 7.64 -12.19 -13.15
CA ALA A 174 7.14 -12.19 -14.53
C ALA A 174 7.12 -10.72 -15.05
N PRO A 175 7.45 -10.56 -16.31
CA PRO A 175 7.41 -9.23 -16.94
C PRO A 175 5.93 -8.83 -16.76
N PHE A 176 5.73 -7.57 -16.57
CA PHE A 176 4.38 -6.97 -16.42
C PHE A 176 4.53 -5.58 -17.07
N THR A 177 4.01 -5.34 -18.27
CA THR A 177 4.26 -4.05 -18.94
C THR A 177 3.05 -3.30 -19.39
N ASN A 178 3.27 -2.08 -19.89
CA ASN A 178 2.19 -1.24 -20.44
C ASN A 178 1.01 -1.16 -19.52
N PHE A 179 1.25 -0.68 -18.32
CA PHE A 179 0.12 -0.64 -17.34
C PHE A 179 0.27 0.66 -16.53
N ASP A 180 -0.82 1.33 -16.44
CA ASP A 180 -1.06 2.59 -15.74
C ASP A 180 -1.95 2.34 -14.51
N PRO A 181 -1.25 2.41 -13.39
CA PRO A 181 -1.88 2.15 -12.08
C PRO A 181 -2.91 3.14 -11.68
N SER A 182 -2.98 4.26 -12.40
CA SER A 182 -3.98 5.30 -12.15
C SER A 182 -5.38 4.79 -12.51
N THR A 183 -5.47 3.73 -13.31
CA THR A 183 -6.71 3.08 -13.73
C THR A 183 -7.36 2.44 -12.50
N LEU A 184 -6.53 2.18 -11.46
CA LEU A 184 -7.03 1.61 -10.22
C LEU A 184 -7.57 2.62 -9.22
N LEU A 185 -7.36 3.92 -9.36
CA LEU A 185 -7.88 4.85 -8.34
C LEU A 185 -9.35 5.16 -8.52
N PRO A 186 -9.98 5.61 -7.42
CA PRO A 186 -11.40 5.99 -7.50
C PRO A 186 -11.44 7.20 -8.44
N SER A 187 -12.64 7.56 -8.82
CA SER A 187 -12.87 8.72 -9.70
C SER A 187 -12.55 10.08 -9.06
N SER A 188 -12.81 10.23 -7.80
CA SER A 188 -12.53 11.48 -7.07
C SER A 188 -11.30 11.20 -6.19
N LEU A 189 -10.38 12.14 -6.10
CA LEU A 189 -9.17 11.98 -5.31
C LEU A 189 -9.12 12.82 -4.05
N ASP A 190 -10.25 13.12 -3.43
CA ASP A 190 -10.32 13.75 -2.08
C ASP A 190 -9.62 12.81 -1.09
N PHE A 191 -8.92 13.37 -0.10
CA PHE A 191 -8.11 12.53 0.76
C PHE A 191 -7.85 13.07 2.14
N TRP A 192 -7.34 12.14 2.95
CA TRP A 192 -6.86 12.38 4.33
C TRP A 192 -5.33 12.13 4.22
N THR A 193 -4.56 12.82 4.99
CA THR A 193 -3.09 12.63 5.02
C THR A 193 -2.61 12.70 6.44
N TYR A 194 -1.62 11.90 6.75
CA TYR A 194 -1.01 11.96 8.10
C TYR A 194 0.43 11.42 7.93
N PRO A 195 1.29 11.81 8.84
CA PRO A 195 2.69 11.34 8.85
C PRO A 195 2.68 9.93 9.49
N GLY A 196 3.31 9.00 8.78
CA GLY A 196 3.25 7.61 9.29
C GLY A 196 4.47 6.81 8.91
N SER A 197 4.36 5.52 8.84
CA SER A 197 5.41 4.56 8.56
C SER A 197 5.04 3.46 7.57
N LEU A 198 6.09 2.65 7.32
CA LEU A 198 5.92 1.40 6.53
C LEU A 198 5.01 0.55 7.49
N THR A 199 4.16 -0.31 6.92
CA THR A 199 3.20 -1.07 7.74
C THR A 199 3.72 -2.48 8.06
N HIS A 200 4.99 -2.71 7.76
CA HIS A 200 5.69 -3.97 8.03
C HIS A 200 7.18 -3.63 8.06
N PRO A 201 7.96 -4.51 8.68
CA PRO A 201 9.40 -4.33 8.78
C PRO A 201 9.99 -3.89 7.45
N PRO A 202 10.97 -3.00 7.46
CA PRO A 202 11.60 -2.38 8.62
C PRO A 202 10.79 -1.34 9.35
N LEU A 203 9.57 -1.03 8.98
CA LEU A 203 8.73 -0.07 9.70
C LEU A 203 9.25 1.36 9.85
N TYR A 204 10.09 1.81 8.96
CA TYR A 204 10.60 3.19 8.97
C TYR A 204 9.42 4.19 8.98
N GLU A 205 9.63 5.26 9.77
CA GLU A 205 8.63 6.33 9.89
C GLU A 205 8.99 7.43 8.89
N SER A 206 8.87 6.95 7.64
CA SER A 206 9.24 7.70 6.45
C SER A 206 8.13 7.98 5.46
N VAL A 207 6.90 7.71 5.86
CA VAL A 207 5.79 7.87 4.94
C VAL A 207 4.82 8.98 5.24
N THR A 208 4.53 9.64 4.12
CA THR A 208 3.47 10.63 4.11
C THR A 208 2.28 9.93 3.38
N TRP A 209 1.27 9.60 4.17
CA TRP A 209 0.08 8.88 3.74
C TRP A 209 -0.96 9.78 3.12
N ILE A 210 -1.48 9.30 2.02
CA ILE A 210 -2.59 9.88 1.25
C ILE A 210 -3.71 8.83 1.15
N ILE A 211 -4.69 8.88 2.01
CA ILE A 211 -5.77 7.89 2.07
C ILE A 211 -6.95 8.48 1.27
N CYS A 212 -7.35 7.64 0.27
CA CYS A 212 -8.48 8.16 -0.54
C CYS A 212 -9.73 8.01 0.29
N LYS A 213 -10.55 9.03 0.16
CA LYS A 213 -11.84 9.11 0.81
C LYS A 213 -12.83 8.09 0.21
N GLU A 214 -12.72 7.92 -1.08
CA GLU A 214 -13.55 7.02 -1.86
C GLU A 214 -12.93 5.62 -1.95
N SER A 215 -13.79 4.58 -1.76
CA SER A 215 -13.20 3.20 -1.86
C SER A 215 -13.45 2.64 -3.25
N ILE A 216 -12.77 1.58 -3.64
CA ILE A 216 -13.06 0.90 -4.93
C ILE A 216 -13.62 -0.49 -4.56
N SER A 217 -14.25 -1.15 -5.49
CA SER A 217 -14.79 -2.52 -5.23
C SER A 217 -13.81 -3.61 -5.59
N VAL A 218 -14.23 -4.80 -5.22
CA VAL A 218 -13.56 -6.06 -5.46
C VAL A 218 -14.57 -7.16 -5.05
N SER A 219 -14.47 -8.29 -5.73
CA SER A 219 -15.42 -9.38 -5.31
C SER A 219 -14.69 -10.41 -4.47
N SER A 220 -15.47 -11.26 -3.82
CA SER A 220 -15.03 -12.40 -3.03
C SER A 220 -14.07 -13.31 -3.84
N GLU A 221 -14.44 -13.55 -5.11
CA GLU A 221 -13.63 -14.47 -5.92
C GLU A 221 -12.32 -13.80 -6.30
N GLN A 222 -12.36 -12.47 -6.46
CA GLN A 222 -11.09 -11.76 -6.73
C GLN A 222 -10.15 -11.88 -5.53
N LEU A 223 -10.64 -11.69 -4.30
CA LEU A 223 -9.86 -11.75 -3.08
C LEU A 223 -9.33 -13.16 -2.82
N ALA A 224 -10.22 -14.12 -3.10
CA ALA A 224 -9.87 -15.53 -2.99
C ALA A 224 -8.63 -15.84 -3.82
N GLN A 225 -8.45 -15.15 -4.95
CA GLN A 225 -7.30 -15.25 -5.86
C GLN A 225 -6.00 -14.75 -5.23
N PHE A 226 -6.04 -13.70 -4.45
CA PHE A 226 -4.85 -13.21 -3.73
C PHE A 226 -4.38 -14.29 -2.72
N ARG A 227 -5.42 -14.75 -2.04
CA ARG A 227 -5.41 -15.72 -0.97
C ARG A 227 -4.94 -17.06 -1.48
N SER A 228 -5.03 -17.30 -2.76
CA SER A 228 -4.50 -18.51 -3.40
C SER A 228 -3.00 -18.49 -3.65
N LEU A 229 -2.28 -17.37 -3.62
CA LEU A 229 -0.80 -17.48 -3.84
C LEU A 229 -0.21 -18.22 -2.63
N LEU A 230 0.98 -18.71 -2.80
CA LEU A 230 1.78 -19.45 -1.85
C LEU A 230 3.02 -18.69 -1.37
N SER A 231 3.28 -18.84 -0.09
CA SER A 231 4.44 -18.21 0.56
C SER A 231 5.67 -19.11 0.45
N ASN A 232 5.46 -20.35 0.05
CA ASN A 232 6.57 -21.30 -0.04
C ASN A 232 7.26 -21.20 -1.40
N VAL A 233 8.48 -21.64 -1.41
CA VAL A 233 9.20 -21.74 -2.70
C VAL A 233 8.58 -22.98 -3.37
N GLU A 234 8.59 -23.00 -4.69
CA GLU A 234 8.05 -24.06 -5.53
C GLU A 234 8.59 -25.44 -5.13
N GLY A 235 7.78 -26.48 -5.04
CA GLY A 235 8.33 -27.78 -4.65
C GLY A 235 8.22 -28.15 -3.17
N ASP A 236 7.99 -27.19 -2.32
CA ASP A 236 7.80 -27.40 -0.87
C ASP A 236 6.27 -27.62 -0.72
N ASN A 237 5.90 -27.94 0.50
CA ASN A 237 4.47 -28.12 0.85
C ASN A 237 3.78 -26.77 0.69
N ALA A 238 2.51 -26.71 0.30
CA ALA A 238 1.76 -25.46 0.12
C ALA A 238 1.41 -24.73 1.40
N VAL A 239 1.70 -23.42 1.45
CA VAL A 239 1.32 -22.54 2.58
C VAL A 239 0.74 -21.25 1.98
N PRO A 240 -0.57 -21.10 2.07
CA PRO A 240 -1.29 -19.97 1.45
C PRO A 240 -1.01 -18.63 2.09
N MET A 241 -1.09 -17.62 1.20
CA MET A 241 -0.84 -16.20 1.61
C MET A 241 -2.20 -15.70 2.16
N GLN A 242 -2.52 -16.25 3.31
CA GLN A 242 -3.75 -16.05 4.04
C GLN A 242 -4.03 -14.61 4.46
N HIS A 243 -3.08 -13.86 4.93
CA HIS A 243 -3.36 -12.47 5.31
C HIS A 243 -2.03 -11.72 5.46
N ASN A 244 -2.05 -10.40 5.27
CA ASN A 244 -0.83 -9.59 5.37
C ASN A 244 -1.17 -8.16 5.82
N ASN A 245 -2.15 -8.00 6.68
CA ASN A 245 -2.53 -6.68 7.23
C ASN A 245 -2.04 -6.51 8.68
N ARG A 246 -1.67 -5.30 9.08
CA ARG A 246 -1.18 -5.06 10.47
C ARG A 246 -2.29 -4.32 11.23
N PRO A 247 -2.46 -4.61 12.52
CA PRO A 247 -3.46 -3.93 13.33
C PRO A 247 -3.08 -2.43 13.37
N THR A 248 -4.08 -1.60 13.58
CA THR A 248 -3.88 -0.15 13.72
C THR A 248 -3.09 0.17 15.00
N GLN A 249 -2.35 1.26 14.98
CA GLN A 249 -1.47 1.75 16.03
C GLN A 249 -1.96 3.09 16.58
N PRO A 250 -1.59 3.33 17.82
CA PRO A 250 -1.98 4.60 18.49
C PRO A 250 -1.52 5.80 17.66
N LEU A 251 -2.40 6.79 17.59
CA LEU A 251 -2.11 8.05 16.91
C LEU A 251 -0.95 8.82 17.55
N LYS A 252 -0.95 8.79 18.86
CA LYS A 252 0.08 9.38 19.73
C LYS A 252 0.27 10.87 19.45
N GLY A 253 -0.81 11.62 19.35
CA GLY A 253 -0.75 13.03 19.10
C GLY A 253 -0.77 13.53 17.67
N ARG A 254 -0.67 12.63 16.69
CA ARG A 254 -0.63 12.99 15.28
C ARG A 254 -2.00 13.55 14.88
N THR A 255 -1.98 14.36 13.84
CA THR A 255 -3.21 14.97 13.28
C THR A 255 -3.42 14.44 11.86
N VAL A 256 -4.63 14.04 11.56
CA VAL A 256 -5.07 13.58 10.23
C VAL A 256 -5.75 14.80 9.59
N ARG A 257 -5.15 15.29 8.51
CA ARG A 257 -5.75 16.43 7.79
C ARG A 257 -6.56 15.92 6.61
N ALA A 258 -7.61 16.60 6.23
CA ALA A 258 -8.52 16.34 5.13
C ALA A 258 -8.42 17.51 4.14
N SER A 259 -8.43 17.12 2.89
CA SER A 259 -8.34 18.06 1.77
C SER A 259 -9.73 18.59 1.43
N PHE A 260 -10.71 18.28 2.26
CA PHE A 260 -12.12 18.71 1.97
C PHE A 260 -12.85 19.01 3.27
ZN ZN B . 1.42 -1.83 1.90
AU AUC C . 6.85 0.68 0.57
C1 AUC C . 4.77 0.94 0.74
N1 AUC C . 3.64 0.69 1.17
C2 AUC C . 9.04 0.69 0.01
N2 AUC C . 10.25 0.52 0.44
AU AUC D . 8.33 0.60 0.55
AU AUC E . 3.29 2.09 -23.60
AU AUC F . 9.65 11.23 16.92
C1 AUC F . 11.56 10.59 16.23
C2 AUC F . 7.71 11.32 17.78
#